data_1POT
#
_entry.id   1POT
#
_cell.length_a   130.300
_cell.length_b   130.300
_cell.length_c   38.700
_cell.angle_alpha   90.00
_cell.angle_beta   90.00
_cell.angle_gamma   90.00
#
_symmetry.space_group_name_H-M   'I 41'
#
loop_
_entity.id
_entity.type
_entity.pdbx_description
1 polymer 'SPERMIDINE/PUTRESCINE-BINDING PROTEIN'
2 non-polymer SPERMIDINE
3 water water
#
_entity_poly.entity_id   1
_entity_poly.type   'polypeptide(L)'
_entity_poly.pdbx_seq_one_letter_code
;DDNNTLYFYNWTEYVPPGLLEQFTKETGIKVIYSTYESNETMYAKLKTYKDGAYDLVVPSTYYVDKMRKEGMIQKIDKSK
LTNFSNLDPDMLNKPFDPNNDYSIPYIWGATAIGVNGDAVDPKSVTSWADLWKPEYKGSLLLTDDAREVFQMALRKLGYS
GNTTDPKEIEAAYNELKKLMPNVAAFNSDNPANPYMEGEVNLGMIWNGSAFVARQAGTPIDVVWPKEGGIFWMDSLAIPA
NAKNKEGALKLINFLLRPDVAKQVAETIGYPTPNLAARKLLSPEVANDKTLYPDAETIKNGEWQNDVGAASSIYEEYYQK
LKAGR
;
_entity_poly.pdbx_strand_id   A
#
loop_
_chem_comp.id
_chem_comp.type
_chem_comp.name
_chem_comp.formula
SPD non-polymer SPERMIDINE 'C7 H19 N3'
#
# COMPACT_ATOMS: atom_id res chain seq x y z
N ASN A 3 27.21 -14.60 -3.11
CA ASN A 3 28.58 -14.16 -2.73
C ASN A 3 28.46 -13.13 -1.61
N ASN A 4 27.33 -12.48 -1.63
CA ASN A 4 27.01 -11.45 -0.61
C ASN A 4 25.56 -11.78 -0.26
N THR A 5 25.08 -11.38 0.89
CA THR A 5 23.69 -11.66 1.27
C THR A 5 23.05 -10.32 1.61
N LEU A 6 21.77 -10.29 1.28
CA LEU A 6 20.95 -9.06 1.54
C LEU A 6 19.64 -9.50 2.16
N TYR A 7 19.15 -8.75 3.12
CA TYR A 7 17.91 -8.97 3.85
C TYR A 7 16.89 -7.89 3.47
N PHE A 8 15.85 -8.41 2.84
CA PHE A 8 14.76 -7.56 2.32
C PHE A 8 13.44 -7.96 2.93
N TYR A 9 12.78 -6.99 3.51
CA TYR A 9 11.47 -7.07 4.16
C TYR A 9 10.53 -6.15 3.37
N ASN A 10 9.48 -6.77 2.85
CA ASN A 10 8.58 -5.92 2.01
C ASN A 10 7.16 -6.47 2.17
N TRP A 11 6.26 -5.73 1.56
CA TRP A 11 4.83 -6.09 1.61
C TRP A 11 4.72 -7.37 0.79
N THR A 12 3.66 -8.09 1.07
CA THR A 12 3.35 -9.38 0.46
C THR A 12 3.15 -9.54 -1.01
N GLU A 13 2.59 -8.69 -1.84
CA GLU A 13 2.42 -9.23 -3.25
C GLU A 13 3.25 -8.57 -4.32
N TYR A 14 4.06 -7.62 -3.91
CA TYR A 14 4.95 -6.80 -4.65
C TYR A 14 6.10 -7.46 -5.36
N VAL A 15 6.71 -8.52 -4.90
CA VAL A 15 7.82 -9.13 -5.67
C VAL A 15 7.30 -10.51 -6.16
N PRO A 16 7.13 -10.57 -7.47
CA PRO A 16 6.65 -11.79 -8.12
C PRO A 16 7.77 -12.81 -8.25
N PRO A 17 7.36 -14.07 -8.35
CA PRO A 17 8.31 -15.17 -8.52
C PRO A 17 9.16 -14.84 -9.74
N GLY A 18 10.47 -14.89 -9.58
CA GLY A 18 11.44 -14.63 -10.64
C GLY A 18 12.31 -13.42 -10.53
N LEU A 19 11.86 -12.42 -9.79
CA LEU A 19 12.63 -11.17 -9.64
C LEU A 19 13.97 -11.35 -8.97
N LEU A 20 13.97 -11.63 -7.70
CA LEU A 20 15.12 -11.77 -6.80
C LEU A 20 16.22 -12.63 -7.39
N GLU A 21 15.77 -13.63 -8.12
CA GLU A 21 16.67 -14.55 -8.83
C GLU A 21 17.36 -13.79 -9.94
N GLN A 22 16.64 -13.02 -10.72
CA GLN A 22 17.15 -12.18 -11.82
C GLN A 22 18.24 -11.26 -11.24
N PHE A 23 17.90 -10.59 -10.17
CA PHE A 23 18.84 -9.71 -9.47
C PHE A 23 20.15 -10.44 -9.15
N THR A 24 20.01 -11.65 -8.66
CA THR A 24 21.13 -12.52 -8.27
C THR A 24 21.96 -12.97 -9.45
N LYS A 25 21.29 -13.17 -10.58
CA LYS A 25 22.02 -13.58 -11.78
C LYS A 25 23.00 -12.43 -12.08
N GLU A 26 22.37 -11.27 -12.17
CA GLU A 26 23.13 -10.06 -12.49
C GLU A 26 24.22 -9.64 -11.55
N THR A 27 23.85 -9.63 -10.27
CA THR A 27 24.74 -9.17 -9.20
C THR A 27 25.50 -10.18 -8.39
N GLY A 28 25.08 -11.41 -8.27
CA GLY A 28 25.75 -12.47 -7.51
C GLY A 28 25.42 -12.36 -6.02
N ILE A 29 24.51 -11.43 -5.76
CA ILE A 29 24.04 -11.16 -4.39
C ILE A 29 22.83 -12.06 -4.15
N LYS A 30 22.88 -12.64 -2.97
CA LYS A 30 21.85 -13.58 -2.50
C LYS A 30 20.93 -12.80 -1.57
N VAL A 31 19.66 -12.79 -1.87
CA VAL A 31 18.70 -12.03 -1.05
C VAL A 31 17.75 -12.91 -0.26
N ILE A 32 17.76 -12.69 1.04
CA ILE A 32 16.91 -13.42 2.00
C ILE A 32 15.63 -12.60 2.12
N TYR A 33 14.59 -13.05 1.45
CA TYR A 33 13.30 -12.37 1.39
C TYR A 33 12.31 -12.69 2.47
N SER A 34 11.67 -11.63 2.96
CA SER A 34 10.68 -11.70 4.03
C SER A 34 9.53 -10.73 3.78
N THR A 35 8.31 -11.12 4.12
CA THR A 35 7.16 -10.24 3.91
C THR A 35 6.46 -9.84 5.19
N TYR A 36 5.78 -8.68 5.10
CA TYR A 36 4.93 -8.18 6.19
C TYR A 36 3.62 -7.72 5.55
N GLU A 37 2.57 -7.59 6.35
CA GLU A 37 1.28 -7.18 5.81
C GLU A 37 0.85 -5.79 6.22
N SER A 38 1.57 -5.16 7.12
CA SER A 38 1.19 -3.79 7.50
C SER A 38 2.42 -3.06 8.04
N ASN A 39 2.35 -1.75 8.08
CA ASN A 39 3.44 -0.88 8.59
C ASN A 39 3.57 -1.04 10.11
N GLU A 40 2.41 -1.22 10.75
CA GLU A 40 2.33 -1.37 12.19
C GLU A 40 3.13 -2.58 12.61
N THR A 41 2.98 -3.61 11.80
CA THR A 41 3.65 -4.90 11.94
C THR A 41 5.16 -4.78 11.74
N MET A 42 5.47 -4.26 10.56
CA MET A 42 6.86 -4.01 10.13
C MET A 42 7.65 -3.18 11.16
N TYR A 43 6.97 -2.27 11.83
CA TYR A 43 7.50 -1.36 12.83
C TYR A 43 7.86 -2.08 14.12
N ALA A 44 6.90 -2.75 14.72
CA ALA A 44 7.05 -3.51 15.96
C ALA A 44 8.11 -4.61 15.89
N LYS A 45 8.41 -4.99 14.66
CA LYS A 45 9.40 -6.00 14.31
C LYS A 45 10.81 -5.41 14.26
N LEU A 46 10.97 -4.37 13.48
CA LEU A 46 12.24 -3.68 13.30
C LEU A 46 12.83 -3.18 14.61
N LYS A 47 11.97 -3.09 15.59
CA LYS A 47 12.35 -2.63 16.93
C LYS A 47 12.41 -3.82 17.88
N THR A 48 12.65 -5.01 17.37
CA THR A 48 12.75 -6.22 18.18
C THR A 48 13.56 -7.34 17.54
N TYR A 49 13.38 -7.61 16.24
CA TYR A 49 14.15 -8.74 15.66
C TYR A 49 14.82 -8.66 14.31
N LYS A 50 15.46 -9.78 14.00
CA LYS A 50 16.26 -10.22 12.89
C LYS A 50 15.57 -11.08 11.84
N ASP A 51 14.51 -11.76 12.25
CA ASP A 51 13.74 -12.65 11.36
C ASP A 51 13.21 -11.83 10.18
N GLY A 52 12.85 -10.61 10.49
CA GLY A 52 12.32 -9.61 9.57
C GLY A 52 13.44 -9.18 8.63
N ALA A 53 13.68 -7.89 8.52
CA ALA A 53 14.77 -7.54 7.58
C ALA A 53 15.50 -6.32 8.12
N TYR A 54 16.75 -6.34 7.74
CA TYR A 54 17.81 -5.45 8.08
C TYR A 54 18.30 -4.53 6.97
N ASP A 55 18.60 -5.07 5.78
CA ASP A 55 19.15 -4.20 4.73
C ASP A 55 18.13 -3.39 3.95
N LEU A 56 16.89 -3.88 3.82
CA LEU A 56 15.94 -3.07 3.00
C LEU A 56 14.54 -3.29 3.50
N VAL A 57 13.82 -2.22 3.74
CA VAL A 57 12.43 -2.30 4.24
C VAL A 57 11.63 -1.36 3.36
N VAL A 58 10.31 -1.42 3.42
CA VAL A 58 9.46 -0.57 2.57
C VAL A 58 8.27 0.03 3.27
N PRO A 59 8.42 1.18 3.93
CA PRO A 59 7.32 1.82 4.63
C PRO A 59 6.51 2.75 3.74
N SER A 60 5.31 3.00 4.18
CA SER A 60 4.40 3.93 3.48
C SER A 60 5.03 5.28 3.81
N THR A 61 4.88 6.21 2.92
CA THR A 61 5.46 7.54 3.15
C THR A 61 4.96 8.08 4.46
N TYR A 62 3.80 7.64 4.97
CA TYR A 62 3.32 8.23 6.26
C TYR A 62 4.08 7.71 7.46
N TYR A 63 5.00 6.78 7.24
CA TYR A 63 5.78 6.24 8.38
C TYR A 63 7.21 6.77 8.34
N VAL A 64 7.60 7.43 7.27
CA VAL A 64 8.95 7.93 7.05
C VAL A 64 9.44 8.91 8.10
N ASP A 65 8.62 9.92 8.42
CA ASP A 65 9.11 10.90 9.42
C ASP A 65 9.32 10.21 10.77
N LYS A 66 8.33 9.49 11.24
CA LYS A 66 8.37 8.77 12.50
C LYS A 66 9.54 7.82 12.66
N MET A 67 9.90 7.09 11.61
CA MET A 67 11.04 6.16 11.68
C MET A 67 12.31 7.01 11.70
N ARG A 68 12.37 7.95 10.76
CA ARG A 68 13.54 8.82 10.64
C ARG A 68 13.86 9.42 12.01
N LYS A 69 12.80 9.84 12.69
CA LYS A 69 12.95 10.46 14.01
C LYS A 69 13.41 9.52 15.09
N GLU A 70 12.93 8.31 15.11
CA GLU A 70 13.33 7.28 16.07
C GLU A 70 14.77 6.85 15.79
N GLY A 71 15.30 7.32 14.68
CA GLY A 71 16.63 7.05 14.16
C GLY A 71 16.78 5.69 13.48
N MET A 72 15.69 5.07 13.09
CA MET A 72 15.55 3.77 12.48
C MET A 72 16.02 3.53 11.06
N ILE A 73 15.94 4.53 10.24
CA ILE A 73 16.37 4.47 8.85
C ILE A 73 17.48 5.51 8.69
N GLN A 74 18.49 5.17 7.88
CA GLN A 74 19.64 6.05 7.63
C GLN A 74 19.48 6.72 6.26
N LYS A 75 20.49 7.47 5.89
CA LYS A 75 20.47 8.22 4.63
C LYS A 75 20.92 7.34 3.48
N ILE A 76 20.34 7.62 2.33
CA ILE A 76 20.51 6.96 1.06
C ILE A 76 21.36 7.79 0.09
N ASP A 77 22.49 7.24 -0.27
CA ASP A 77 23.40 7.96 -1.22
C ASP A 77 22.80 7.77 -2.61
N LYS A 78 22.02 8.72 -3.08
CA LYS A 78 21.36 8.60 -4.39
C LYS A 78 22.31 8.76 -5.54
N SER A 79 23.55 9.03 -5.17
CA SER A 79 24.57 9.22 -6.21
C SER A 79 24.86 7.83 -6.78
N LYS A 80 24.69 6.82 -5.94
CA LYS A 80 24.90 5.42 -6.34
C LYS A 80 23.62 4.83 -6.98
N LEU A 81 22.58 5.62 -6.94
CA LEU A 81 21.25 5.31 -7.46
C LEU A 81 21.07 6.06 -8.78
N THR A 82 21.83 5.63 -9.77
CA THR A 82 21.81 6.20 -11.10
C THR A 82 20.54 6.00 -11.88
N ASN A 83 19.50 5.32 -11.40
CA ASN A 83 18.29 5.19 -12.25
C ASN A 83 17.19 6.08 -11.67
N PHE A 84 17.59 6.80 -10.62
CA PHE A 84 16.73 7.70 -9.88
C PHE A 84 16.02 8.70 -10.80
N SER A 85 16.69 9.10 -11.85
CA SER A 85 16.13 10.10 -12.77
C SER A 85 14.89 9.61 -13.47
N ASN A 86 14.57 8.33 -13.36
CA ASN A 86 13.38 7.79 -14.06
C ASN A 86 12.10 8.06 -13.25
N LEU A 87 12.27 8.54 -12.04
CA LEU A 87 11.10 8.79 -11.20
C LEU A 87 10.35 10.02 -11.66
N ASP A 88 9.01 9.86 -11.63
CA ASP A 88 8.10 10.98 -12.00
C ASP A 88 8.35 12.04 -10.95
N PRO A 89 8.63 13.27 -11.37
CA PRO A 89 8.89 14.36 -10.44
C PRO A 89 7.71 14.69 -9.56
N ASP A 90 6.53 14.13 -9.80
CA ASP A 90 5.37 14.51 -8.96
C ASP A 90 5.31 13.60 -7.72
N MET A 91 6.38 12.85 -7.51
CA MET A 91 6.42 11.94 -6.36
C MET A 91 7.64 12.27 -5.52
N LEU A 92 8.27 13.40 -5.79
CA LEU A 92 9.49 13.86 -5.14
C LEU A 92 9.59 15.10 -4.30
N ASN A 93 8.69 16.03 -4.25
CA ASN A 93 8.80 17.25 -3.42
C ASN A 93 8.13 16.99 -2.07
N LYS A 94 7.57 15.82 -1.94
CA LYS A 94 6.83 15.50 -0.68
C LYS A 94 7.59 16.01 0.53
N PRO A 95 6.86 16.66 1.42
CA PRO A 95 7.36 17.25 2.63
C PRO A 95 7.72 16.36 3.80
N PHE A 96 7.75 15.06 3.65
CA PHE A 96 8.13 14.18 4.79
C PHE A 96 9.58 13.77 4.56
N ASP A 97 10.05 14.15 3.39
CA ASP A 97 11.44 13.85 2.94
C ASP A 97 11.65 14.64 1.64
N PRO A 98 11.72 15.97 1.81
CA PRO A 98 11.85 16.86 0.69
C PRO A 98 12.88 16.55 -0.38
N ASN A 99 14.02 16.00 -0.02
CA ASN A 99 15.07 15.75 -1.01
C ASN A 99 15.36 14.28 -1.20
N ASN A 100 14.41 13.47 -0.78
CA ASN A 100 14.48 12.02 -0.93
C ASN A 100 15.79 11.42 -0.47
N ASP A 101 16.14 11.72 0.77
CA ASP A 101 17.35 11.23 1.44
C ASP A 101 17.07 10.00 2.29
N TYR A 102 15.82 9.82 2.65
CA TYR A 102 15.44 8.67 3.49
C TYR A 102 14.52 7.70 2.78
N SER A 103 13.86 8.16 1.70
CA SER A 103 12.91 7.22 1.03
C SER A 103 12.98 7.28 -0.48
N ILE A 104 12.73 6.14 -1.12
CA ILE A 104 12.73 6.14 -2.59
C ILE A 104 11.40 5.59 -3.14
N PRO A 105 10.57 6.43 -3.70
CA PRO A 105 9.26 5.98 -4.26
C PRO A 105 9.45 4.64 -4.90
N TYR A 106 8.54 3.71 -4.71
CA TYR A 106 8.70 2.35 -5.27
C TYR A 106 7.53 1.83 -6.06
N ILE A 107 6.39 1.87 -5.41
CA ILE A 107 5.07 1.45 -5.91
C ILE A 107 3.97 2.26 -5.20
N TRP A 108 2.97 2.69 -5.95
CA TRP A 108 1.86 3.46 -5.31
C TRP A 108 0.58 2.63 -5.55
N GLY A 109 -0.54 3.13 -5.09
CA GLY A 109 -1.79 2.35 -5.30
C GLY A 109 -2.96 3.08 -4.64
N ALA A 110 -4.06 2.32 -4.58
CA ALA A 110 -5.27 2.87 -3.98
C ALA A 110 -6.11 1.79 -3.38
N THR A 111 -6.94 2.28 -2.44
CA THR A 111 -7.89 1.41 -1.74
C THR A 111 -9.24 2.03 -2.21
N ALA A 112 -10.14 1.14 -2.57
CA ALA A 112 -11.46 1.63 -3.07
C ALA A 112 -12.40 0.48 -2.75
N ILE A 113 -13.55 0.44 -3.37
CA ILE A 113 -14.57 -0.59 -3.18
C ILE A 113 -14.45 -1.68 -4.28
N GLY A 114 -14.30 -2.88 -3.87
CA GLY A 114 -14.19 -4.03 -4.79
C GLY A 114 -15.60 -4.67 -4.78
N VAL A 115 -16.07 -5.09 -5.94
CA VAL A 115 -17.47 -5.68 -5.89
C VAL A 115 -17.48 -6.93 -6.75
N ASN A 116 -18.16 -7.94 -6.24
CA ASN A 116 -18.28 -9.24 -6.97
C ASN A 116 -19.40 -9.01 -8.01
N GLY A 117 -18.97 -8.89 -9.24
CA GLY A 117 -19.86 -8.65 -10.37
C GLY A 117 -20.98 -9.68 -10.42
N ASP A 118 -20.65 -10.85 -10.92
CA ASP A 118 -21.56 -11.98 -11.09
C ASP A 118 -22.33 -12.28 -9.81
N ALA A 119 -22.11 -11.54 -8.74
CA ALA A 119 -22.81 -11.71 -7.48
C ALA A 119 -23.49 -10.44 -6.99
N VAL A 120 -22.94 -9.26 -7.21
CA VAL A 120 -23.53 -7.96 -6.76
C VAL A 120 -23.40 -6.92 -7.88
N ASP A 121 -24.41 -6.11 -8.05
CA ASP A 121 -24.46 -5.05 -9.09
C ASP A 121 -23.61 -3.83 -8.75
N PRO A 122 -22.47 -3.70 -9.38
CA PRO A 122 -21.54 -2.58 -9.13
C PRO A 122 -22.19 -1.23 -9.24
N LYS A 123 -23.31 -1.14 -9.92
CA LYS A 123 -24.02 0.15 -10.04
C LYS A 123 -24.80 0.40 -8.73
N SER A 124 -25.00 -0.64 -7.95
CA SER A 124 -25.71 -0.55 -6.67
C SER A 124 -24.82 -0.03 -5.52
N VAL A 125 -23.52 -0.10 -5.61
CA VAL A 125 -22.62 0.41 -4.55
C VAL A 125 -21.99 1.71 -5.13
N THR A 126 -22.08 2.80 -4.45
CA THR A 126 -21.56 4.07 -4.97
C THR A 126 -20.68 4.86 -4.01
N SER A 127 -20.76 4.55 -2.72
CA SER A 127 -20.02 5.27 -1.71
C SER A 127 -19.58 4.35 -0.57
N TRP A 128 -18.70 4.94 0.24
CA TRP A 128 -18.19 4.19 1.39
C TRP A 128 -19.45 3.98 2.26
N ALA A 129 -20.21 5.07 2.29
CA ALA A 129 -21.44 5.09 3.11
C ALA A 129 -22.30 3.86 2.94
N ASP A 130 -22.36 3.34 1.73
CA ASP A 130 -23.22 2.16 1.49
C ASP A 130 -22.88 0.90 2.25
N LEU A 131 -21.63 0.75 2.59
CA LEU A 131 -21.18 -0.48 3.28
C LEU A 131 -21.83 -0.62 4.65
N TRP A 132 -22.44 0.46 5.09
CA TRP A 132 -23.07 0.44 6.45
C TRP A 132 -24.51 -0.05 6.39
N LYS A 133 -25.03 -0.28 5.20
CA LYS A 133 -26.43 -0.75 5.02
C LYS A 133 -26.61 -2.09 5.70
N PRO A 134 -27.75 -2.24 6.38
CA PRO A 134 -28.09 -3.45 7.14
C PRO A 134 -28.02 -4.75 6.38
N GLU A 135 -28.27 -4.68 5.10
CA GLU A 135 -28.25 -5.83 4.20
C GLU A 135 -26.91 -6.42 3.89
N TYR A 136 -25.81 -5.69 4.08
CA TYR A 136 -24.49 -6.27 3.76
C TYR A 136 -23.98 -7.10 4.91
N LYS A 137 -24.87 -7.34 5.83
CA LYS A 137 -24.67 -8.07 7.08
C LYS A 137 -23.84 -9.29 6.76
N GLY A 138 -22.80 -9.56 7.52
CA GLY A 138 -21.91 -10.70 7.38
C GLY A 138 -21.34 -11.00 6.01
N SER A 139 -21.10 -9.94 5.24
CA SER A 139 -20.55 -10.16 3.88
C SER A 139 -19.48 -9.19 3.42
N LEU A 140 -18.87 -8.38 4.29
CA LEU A 140 -17.88 -7.39 3.84
C LEU A 140 -16.43 -7.72 4.15
N LEU A 141 -15.55 -7.32 3.24
CA LEU A 141 -14.08 -7.55 3.45
C LEU A 141 -13.51 -6.16 3.78
N LEU A 142 -12.63 -6.14 4.80
CA LEU A 142 -11.98 -4.89 5.19
C LEU A 142 -10.48 -5.22 5.10
N THR A 143 -9.76 -4.23 4.61
CA THR A 143 -8.30 -4.43 4.55
C THR A 143 -7.92 -4.36 6.02
N ASP A 144 -6.89 -5.01 6.50
CA ASP A 144 -6.40 -4.98 7.89
C ASP A 144 -5.41 -3.84 8.14
N ASP A 145 -5.86 -2.64 7.90
CA ASP A 145 -5.04 -1.41 8.04
C ASP A 145 -5.75 -0.36 8.87
N ALA A 146 -5.24 0.03 10.00
CA ALA A 146 -5.88 1.01 10.90
C ALA A 146 -6.17 2.31 10.21
N ARG A 147 -5.14 2.83 9.56
CA ARG A 147 -5.36 4.11 8.85
C ARG A 147 -6.27 3.94 7.65
N GLU A 148 -6.34 2.81 7.00
CA GLU A 148 -7.26 2.74 5.85
C GLU A 148 -8.69 2.59 6.36
N VAL A 149 -8.94 1.85 7.41
CA VAL A 149 -10.31 1.64 7.96
C VAL A 149 -10.82 2.94 8.55
N PHE A 150 -9.92 3.68 9.22
CA PHE A 150 -10.40 4.97 9.79
C PHE A 150 -10.75 6.00 8.73
N GLN A 151 -9.90 6.09 7.72
CA GLN A 151 -10.07 7.01 6.60
C GLN A 151 -11.39 6.76 5.90
N MET A 152 -11.81 5.53 5.68
CA MET A 152 -13.10 5.19 5.07
C MET A 152 -14.26 5.70 5.95
N ALA A 153 -14.15 5.59 7.29
CA ALA A 153 -15.28 6.05 8.13
C ALA A 153 -15.21 7.52 8.31
N LEU A 154 -14.01 8.02 8.37
CA LEU A 154 -13.69 9.46 8.54
C LEU A 154 -14.20 10.23 7.35
N ARG A 155 -14.05 9.61 6.18
CA ARG A 155 -14.54 10.24 4.94
C ARG A 155 -16.05 10.16 4.86
N LYS A 156 -16.61 9.00 5.17
CA LYS A 156 -18.09 8.86 5.19
C LYS A 156 -18.70 9.98 6.02
N LEU A 157 -18.03 10.46 7.08
CA LEU A 157 -18.52 11.54 7.92
C LEU A 157 -18.15 12.94 7.44
N GLY A 158 -17.32 13.09 6.44
CA GLY A 158 -16.95 14.42 5.95
C GLY A 158 -15.72 14.98 6.62
N TYR A 159 -14.95 14.16 7.29
CA TYR A 159 -13.71 14.63 7.96
C TYR A 159 -12.51 14.18 7.11
N SER A 160 -11.35 14.77 7.39
CA SER A 160 -10.16 14.37 6.61
C SER A 160 -9.70 13.03 7.19
N GLY A 161 -9.07 12.22 6.35
CA GLY A 161 -8.55 10.92 6.73
C GLY A 161 -7.18 11.09 7.39
N ASN A 162 -6.77 12.33 7.43
CA ASN A 162 -5.46 12.68 8.02
C ASN A 162 -5.64 13.52 9.27
N THR A 163 -6.86 13.57 9.78
CA THR A 163 -7.13 14.33 10.99
C THR A 163 -6.13 13.87 12.09
N THR A 164 -6.03 14.82 12.96
CA THR A 164 -5.21 14.83 14.18
C THR A 164 -6.04 15.27 15.37
N ASP A 165 -7.35 15.33 15.17
CA ASP A 165 -8.34 15.72 16.16
C ASP A 165 -8.98 14.47 16.77
N PRO A 166 -8.67 14.22 18.04
CA PRO A 166 -9.21 13.07 18.71
C PRO A 166 -10.75 13.06 18.68
N LYS A 167 -11.40 14.19 18.63
CA LYS A 167 -12.89 14.15 18.68
C LYS A 167 -13.44 13.52 17.40
N GLU A 168 -12.80 13.91 16.31
CA GLU A 168 -13.12 13.44 14.97
C GLU A 168 -12.84 11.96 14.91
N ILE A 169 -11.62 11.61 15.34
CA ILE A 169 -11.25 10.18 15.32
C ILE A 169 -12.31 9.38 16.07
N GLU A 170 -12.53 9.83 17.31
CA GLU A 170 -13.47 9.11 18.17
C GLU A 170 -14.82 8.96 17.45
N ALA A 171 -15.18 10.03 16.72
CA ALA A 171 -16.50 9.95 16.05
C ALA A 171 -16.41 8.89 14.99
N ALA A 172 -15.26 8.63 14.42
CA ALA A 172 -15.11 7.63 13.33
C ALA A 172 -15.17 6.23 13.90
N TYR A 173 -14.63 6.19 15.13
CA TYR A 173 -14.61 4.94 15.89
C TYR A 173 -16.05 4.44 16.10
N ASN A 174 -16.80 5.41 16.57
CA ASN A 174 -18.22 5.23 16.91
C ASN A 174 -18.92 4.65 15.65
N GLU A 175 -18.73 5.34 14.53
CA GLU A 175 -19.31 4.89 13.26
C GLU A 175 -18.79 3.52 12.85
N LEU A 176 -17.52 3.29 13.14
CA LEU A 176 -16.91 2.01 12.75
C LEU A 176 -17.56 0.88 13.53
N LYS A 177 -18.13 1.22 14.69
CA LYS A 177 -18.75 0.22 15.56
C LYS A 177 -20.05 -0.30 14.93
N LYS A 178 -20.76 0.54 14.24
CA LYS A 178 -22.01 0.21 13.54
C LYS A 178 -21.75 -0.76 12.40
N LEU A 179 -20.60 -0.62 11.76
CA LEU A 179 -20.22 -1.51 10.65
C LEU A 179 -19.84 -2.91 11.15
N MET A 180 -19.58 -3.09 12.43
CA MET A 180 -19.09 -4.42 12.85
C MET A 180 -19.87 -5.59 12.36
N PRO A 181 -21.19 -5.66 12.49
CA PRO A 181 -21.93 -6.81 11.99
C PRO A 181 -21.77 -7.19 10.52
N ASN A 182 -21.35 -6.26 9.69
CA ASN A 182 -21.20 -6.37 8.25
C ASN A 182 -19.89 -7.00 7.79
N VAL A 183 -18.92 -7.02 8.66
CA VAL A 183 -17.58 -7.51 8.50
C VAL A 183 -17.36 -9.01 8.70
N ALA A 184 -16.99 -9.63 7.62
CA ALA A 184 -16.69 -11.03 7.40
C ALA A 184 -15.20 -11.28 7.51
N ALA A 185 -14.38 -10.31 7.12
CA ALA A 185 -12.93 -10.46 7.24
C ALA A 185 -12.19 -9.12 7.20
N PHE A 186 -10.96 -9.28 7.63
CA PHE A 186 -9.93 -8.21 7.69
C PHE A 186 -8.78 -8.85 6.91
N ASN A 187 -8.32 -8.32 5.77
CA ASN A 187 -7.23 -9.04 5.09
C ASN A 187 -6.21 -8.07 4.51
N SER A 188 -4.94 -8.22 4.87
CA SER A 188 -3.94 -7.28 4.31
C SER A 188 -2.86 -8.08 3.59
N ASP A 189 -3.12 -9.38 3.50
CA ASP A 189 -2.23 -10.37 2.85
C ASP A 189 -2.35 -10.27 1.33
N ASN A 190 -3.57 -10.50 0.89
CA ASN A 190 -4.01 -10.43 -0.51
C ASN A 190 -5.56 -10.42 -0.37
N PRO A 191 -6.07 -9.23 -0.27
CA PRO A 191 -7.50 -9.01 -0.10
C PRO A 191 -8.40 -9.50 -1.22
N ALA A 192 -7.86 -9.73 -2.42
CA ALA A 192 -8.66 -10.21 -3.54
C ALA A 192 -9.16 -11.64 -3.28
N ASN A 193 -8.29 -12.41 -2.69
CA ASN A 193 -8.45 -13.82 -2.35
C ASN A 193 -9.82 -14.21 -1.85
N PRO A 194 -10.28 -13.62 -0.76
CA PRO A 194 -11.58 -13.94 -0.21
C PRO A 194 -12.71 -13.73 -1.23
N TYR A 195 -12.58 -12.73 -2.10
CA TYR A 195 -13.60 -12.44 -3.11
C TYR A 195 -13.65 -13.59 -4.14
N MET A 196 -12.47 -14.02 -4.53
CA MET A 196 -12.22 -15.08 -5.49
C MET A 196 -12.66 -16.43 -4.92
N GLU A 197 -12.41 -16.62 -3.64
CA GLU A 197 -12.81 -17.86 -2.95
C GLU A 197 -14.34 -17.79 -2.79
N GLY A 198 -14.80 -16.57 -2.96
CA GLY A 198 -16.20 -16.18 -2.86
C GLY A 198 -16.70 -16.51 -1.47
N GLU A 199 -16.36 -15.67 -0.53
CA GLU A 199 -16.78 -15.81 0.87
C GLU A 199 -17.09 -14.38 1.32
N VAL A 200 -17.03 -13.50 0.34
CA VAL A 200 -17.30 -12.05 0.56
C VAL A 200 -17.83 -11.50 -0.75
N ASN A 201 -18.77 -10.58 -0.63
CA ASN A 201 -19.41 -10.04 -1.85
C ASN A 201 -18.81 -8.73 -2.30
N LEU A 202 -18.67 -7.89 -1.30
CA LEU A 202 -18.15 -6.53 -1.54
C LEU A 202 -17.17 -6.15 -0.42
N GLY A 203 -16.67 -4.93 -0.42
CA GLY A 203 -15.74 -4.49 0.62
C GLY A 203 -14.64 -3.61 0.09
N MET A 204 -13.58 -3.59 0.89
CA MET A 204 -12.39 -2.76 0.53
C MET A 204 -11.56 -3.62 -0.41
N ILE A 205 -10.76 -2.99 -1.25
CA ILE A 205 -9.85 -3.67 -2.15
C ILE A 205 -8.74 -2.72 -2.64
N TRP A 206 -7.53 -3.23 -2.63
CA TRP A 206 -6.31 -2.57 -3.14
C TRP A 206 -6.48 -2.68 -4.65
N ASN A 207 -6.18 -1.67 -5.44
CA ASN A 207 -6.43 -1.79 -6.90
C ASN A 207 -5.54 -2.81 -7.58
N GLY A 208 -4.37 -3.11 -7.07
CA GLY A 208 -3.47 -4.08 -7.70
C GLY A 208 -3.86 -5.53 -7.55
N SER A 209 -4.35 -5.91 -6.40
CA SER A 209 -4.74 -7.33 -6.19
C SER A 209 -6.07 -7.67 -6.88
N ALA A 210 -6.88 -6.68 -7.14
CA ALA A 210 -8.15 -6.91 -7.85
C ALA A 210 -7.77 -7.17 -9.33
N PHE A 211 -6.64 -6.66 -9.77
CA PHE A 211 -6.14 -6.80 -11.15
C PHE A 211 -5.65 -8.21 -11.38
N VAL A 212 -4.84 -8.67 -10.45
CA VAL A 212 -4.28 -10.02 -10.51
C VAL A 212 -5.42 -11.04 -10.42
N ALA A 213 -6.50 -10.64 -9.78
CA ALA A 213 -7.65 -11.56 -9.62
C ALA A 213 -8.47 -11.55 -10.90
N ARG A 214 -8.77 -10.38 -11.45
CA ARG A 214 -9.50 -10.35 -12.73
C ARG A 214 -8.67 -11.27 -13.66
N GLN A 215 -7.41 -10.89 -13.80
CA GLN A 215 -6.42 -11.62 -14.61
C GLN A 215 -6.72 -13.11 -14.59
N ALA A 216 -7.19 -13.63 -13.49
CA ALA A 216 -7.50 -15.05 -13.34
C ALA A 216 -8.98 -15.34 -13.51
N GLY A 217 -9.76 -14.40 -13.99
CA GLY A 217 -11.17 -14.53 -14.25
C GLY A 217 -12.17 -14.43 -13.14
N THR A 218 -12.11 -13.36 -12.38
CA THR A 218 -13.03 -13.10 -11.25
C THR A 218 -13.69 -11.76 -11.53
N PRO A 219 -15.01 -11.78 -11.67
CA PRO A 219 -15.80 -10.58 -11.96
C PRO A 219 -15.71 -9.49 -10.90
N ILE A 220 -14.45 -9.18 -10.57
CA ILE A 220 -14.08 -8.18 -9.58
C ILE A 220 -13.96 -6.80 -10.21
N ASP A 221 -14.96 -5.99 -9.93
CA ASP A 221 -15.12 -4.63 -10.39
C ASP A 221 -14.63 -3.66 -9.30
N VAL A 222 -14.07 -2.55 -9.72
CA VAL A 222 -13.55 -1.55 -8.76
C VAL A 222 -14.36 -0.28 -8.90
N VAL A 223 -14.90 0.20 -7.77
CA VAL A 223 -15.71 1.45 -7.80
C VAL A 223 -15.00 2.54 -7.02
N TRP A 224 -14.91 3.73 -7.60
CA TRP A 224 -14.29 4.89 -6.96
C TRP A 224 -15.42 5.38 -6.08
N PRO A 225 -15.25 5.57 -4.79
CA PRO A 225 -16.37 5.99 -3.94
C PRO A 225 -16.65 7.46 -4.06
N LYS A 226 -17.91 7.80 -3.83
CA LYS A 226 -18.31 9.22 -3.94
C LYS A 226 -17.48 10.14 -3.06
N GLU A 227 -17.00 9.59 -1.95
CA GLU A 227 -16.25 10.42 -0.99
C GLU A 227 -14.74 10.43 -1.21
N GLY A 228 -14.19 9.47 -1.98
CA GLY A 228 -12.78 9.49 -2.21
C GLY A 228 -11.94 8.56 -2.95
N GLY A 229 -11.53 7.52 -2.27
CA GLY A 229 -10.58 6.49 -2.77
C GLY A 229 -9.34 6.94 -1.91
N ILE A 230 -8.73 5.93 -1.39
CA ILE A 230 -7.57 6.12 -0.49
C ILE A 230 -6.25 5.90 -1.23
N PHE A 231 -5.53 7.01 -1.33
CA PHE A 231 -4.23 6.87 -2.09
C PHE A 231 -3.08 6.74 -1.14
N TRP A 232 -2.07 5.95 -1.51
CA TRP A 232 -0.90 5.74 -0.63
C TRP A 232 0.29 5.43 -1.55
N MET A 233 1.47 5.40 -0.96
CA MET A 233 2.71 5.09 -1.70
C MET A 233 3.66 4.37 -0.76
N ASP A 234 4.35 3.38 -1.29
CA ASP A 234 5.34 2.63 -0.49
C ASP A 234 6.71 3.04 -1.03
N SER A 235 7.59 3.38 -0.08
CA SER A 235 8.97 3.83 -0.39
C SER A 235 10.03 2.93 0.23
N LEU A 236 11.10 2.79 -0.52
CA LEU A 236 12.26 2.00 -0.07
C LEU A 236 13.12 2.90 0.83
N ALA A 237 13.48 2.33 1.96
CA ALA A 237 14.32 2.95 2.98
C ALA A 237 15.35 1.94 3.49
N ILE A 238 16.50 2.38 3.98
CA ILE A 238 17.54 1.50 4.52
C ILE A 238 17.74 1.63 6.03
N PRO A 239 17.35 0.60 6.78
CA PRO A 239 17.52 0.57 8.24
C PRO A 239 18.96 0.96 8.64
N ALA A 240 18.99 1.63 9.79
CA ALA A 240 20.16 2.15 10.47
C ALA A 240 21.19 1.10 10.83
N ASN A 241 20.72 -0.07 11.18
CA ASN A 241 21.56 -1.22 11.55
C ASN A 241 21.85 -2.19 10.41
N ALA A 242 21.71 -1.79 9.16
CA ALA A 242 21.95 -2.58 7.96
C ALA A 242 23.39 -3.06 7.81
N LYS A 243 23.64 -4.35 7.71
CA LYS A 243 25.00 -4.90 7.56
C LYS A 243 25.58 -4.76 6.17
N ASN A 244 24.69 -4.66 5.20
CA ASN A 244 24.99 -4.53 3.78
C ASN A 244 24.36 -3.37 3.05
N LYS A 245 24.54 -2.14 3.50
CA LYS A 245 23.96 -0.99 2.78
C LYS A 245 24.50 -0.88 1.36
N GLU A 246 25.65 -1.43 1.01
CA GLU A 246 26.19 -1.28 -0.35
C GLU A 246 25.33 -2.02 -1.38
N GLY A 247 24.93 -3.19 -0.99
CA GLY A 247 24.09 -4.14 -1.71
C GLY A 247 22.67 -3.63 -1.78
N ALA A 248 22.18 -3.05 -0.71
CA ALA A 248 20.84 -2.46 -0.64
C ALA A 248 20.70 -1.36 -1.68
N LEU A 249 21.74 -0.63 -1.96
CA LEU A 249 21.71 0.45 -2.95
C LEU A 249 21.72 -0.15 -4.36
N LYS A 250 22.19 -1.37 -4.52
CA LYS A 250 22.24 -2.07 -5.82
C LYS A 250 20.80 -2.58 -6.07
N LEU A 251 20.35 -3.20 -4.99
CA LEU A 251 18.95 -3.71 -5.07
C LEU A 251 18.10 -2.50 -5.39
N ILE A 252 18.27 -1.34 -4.76
CA ILE A 252 17.41 -0.21 -5.14
C ILE A 252 17.53 0.23 -6.61
N ASN A 253 18.73 0.36 -7.16
CA ASN A 253 18.94 0.80 -8.54
C ASN A 253 18.38 -0.23 -9.51
N PHE A 254 18.37 -1.45 -9.05
CA PHE A 254 17.79 -2.54 -9.91
C PHE A 254 16.30 -2.26 -10.05
N LEU A 255 15.66 -1.98 -8.90
CA LEU A 255 14.24 -1.69 -8.85
C LEU A 255 13.82 -0.44 -9.60
N LEU A 256 14.74 0.39 -9.92
CA LEU A 256 14.60 1.64 -10.65
C LEU A 256 14.87 1.49 -12.13
N ARG A 257 15.53 0.42 -12.53
CA ARG A 257 15.79 0.26 -14.03
C ARG A 257 14.39 0.07 -14.60
N PRO A 258 14.09 0.71 -15.71
CA PRO A 258 12.77 0.67 -16.32
C PRO A 258 12.28 -0.69 -16.74
N ASP A 259 13.17 -1.55 -17.23
CA ASP A 259 12.60 -2.87 -17.67
C ASP A 259 12.04 -3.61 -16.47
N VAL A 260 12.72 -3.53 -15.35
CA VAL A 260 12.33 -4.22 -14.10
C VAL A 260 10.96 -3.78 -13.61
N ALA A 261 10.83 -2.48 -13.40
CA ALA A 261 9.58 -1.88 -12.92
C ALA A 261 8.45 -2.19 -13.89
N LYS A 262 8.79 -2.18 -15.16
CA LYS A 262 7.80 -2.42 -16.22
C LYS A 262 7.25 -3.81 -16.08
N GLN A 263 8.18 -4.73 -15.93
CA GLN A 263 7.91 -6.18 -15.79
C GLN A 263 7.06 -6.50 -14.58
N VAL A 264 7.28 -5.79 -13.47
CA VAL A 264 6.49 -6.10 -12.25
C VAL A 264 5.10 -5.50 -12.33
N ALA A 265 5.03 -4.25 -12.74
CA ALA A 265 3.74 -3.58 -12.87
C ALA A 265 2.74 -4.28 -13.75
N GLU A 266 3.15 -5.06 -14.73
CA GLU A 266 2.23 -5.76 -15.64
C GLU A 266 1.80 -7.06 -15.01
N THR A 267 2.62 -7.50 -14.07
CA THR A 267 2.29 -8.77 -13.37
C THR A 267 1.43 -8.50 -12.13
N ILE A 268 1.84 -7.50 -11.36
CA ILE A 268 1.12 -7.23 -10.12
C ILE A 268 0.12 -6.11 -10.15
N GLY A 269 -0.07 -5.42 -11.21
CA GLY A 269 -0.89 -4.34 -11.53
C GLY A 269 -0.69 -3.04 -10.80
N TYR A 270 -0.14 -3.08 -9.60
CA TYR A 270 0.02 -1.78 -8.86
C TYR A 270 0.89 -0.88 -9.75
N PRO A 271 0.57 0.38 -9.72
CA PRO A 271 1.27 1.36 -10.52
C PRO A 271 2.64 1.77 -10.01
N THR A 272 3.50 2.09 -11.00
CA THR A 272 4.86 2.53 -10.80
C THR A 272 4.99 4.05 -10.96
N PRO A 273 5.76 4.63 -10.06
CA PRO A 273 6.01 6.06 -10.14
C PRO A 273 7.15 6.32 -11.14
N ASN A 274 7.62 5.25 -11.76
CA ASN A 274 8.70 5.21 -12.76
C ASN A 274 8.08 5.52 -14.11
N LEU A 275 8.35 6.71 -14.54
CA LEU A 275 7.86 7.31 -15.78
C LEU A 275 8.35 6.67 -17.06
N ALA A 276 9.58 6.22 -17.05
CA ALA A 276 10.29 5.58 -18.15
C ALA A 276 9.58 4.25 -18.41
N ALA A 277 9.39 3.58 -17.29
CA ALA A 277 8.74 2.28 -17.25
C ALA A 277 7.28 2.41 -17.66
N ARG A 278 6.78 3.62 -17.61
CA ARG A 278 5.34 3.80 -17.95
C ARG A 278 5.09 3.83 -19.43
N LYS A 279 6.04 4.27 -20.23
CA LYS A 279 5.91 4.35 -21.69
C LYS A 279 6.09 2.97 -22.31
N LEU A 280 6.56 2.07 -21.47
CA LEU A 280 6.85 0.68 -21.89
C LEU A 280 5.73 -0.30 -21.62
N LEU A 281 4.79 0.14 -20.83
CA LEU A 281 3.62 -0.61 -20.34
C LEU A 281 2.64 -0.92 -21.44
N SER A 282 2.12 -2.14 -21.51
CA SER A 282 1.12 -2.45 -22.56
C SER A 282 -0.01 -1.45 -22.36
N PRO A 283 -0.73 -1.13 -23.41
CA PRO A 283 -1.82 -0.15 -23.36
C PRO A 283 -3.07 -0.58 -22.63
N GLU A 284 -3.19 -1.85 -22.29
CA GLU A 284 -4.36 -2.38 -21.58
C GLU A 284 -4.13 -2.10 -20.07
N VAL A 285 -2.87 -1.90 -19.75
CA VAL A 285 -2.50 -1.65 -18.34
C VAL A 285 -2.32 -0.18 -18.08
N ALA A 286 -1.58 0.45 -18.97
CA ALA A 286 -1.28 1.87 -18.81
C ALA A 286 -2.51 2.75 -18.81
N ASN A 287 -3.59 2.30 -19.48
CA ASN A 287 -4.78 3.15 -19.55
C ASN A 287 -5.94 2.65 -18.70
N ASP A 288 -5.66 1.65 -17.91
CA ASP A 288 -6.69 1.05 -17.03
C ASP A 288 -6.85 2.14 -15.97
N LYS A 289 -7.94 2.85 -15.91
CA LYS A 289 -8.14 3.89 -14.92
C LYS A 289 -8.34 3.35 -13.50
N THR A 290 -8.25 2.07 -13.22
CA THR A 290 -8.40 1.66 -11.81
C THR A 290 -6.95 1.55 -11.28
N LEU A 291 -6.00 1.66 -12.21
CA LEU A 291 -4.58 1.54 -11.93
C LEU A 291 -3.91 2.91 -12.05
N TYR A 292 -4.21 3.63 -13.13
CA TYR A 292 -3.69 4.97 -13.38
C TYR A 292 -4.87 5.90 -13.52
N PRO A 293 -5.56 6.14 -12.42
CA PRO A 293 -6.74 6.99 -12.38
C PRO A 293 -6.45 8.40 -12.85
N ASP A 294 -7.43 9.04 -13.43
CA ASP A 294 -7.44 10.37 -13.97
C ASP A 294 -7.30 11.44 -12.88
N ALA A 295 -6.88 12.61 -13.36
CA ALA A 295 -6.68 13.74 -12.45
C ALA A 295 -7.93 14.12 -11.68
N GLU A 296 -9.14 14.05 -12.24
CA GLU A 296 -10.30 14.43 -11.43
C GLU A 296 -10.46 13.39 -10.28
N THR A 297 -10.04 12.15 -10.52
CA THR A 297 -10.28 11.19 -9.42
C THR A 297 -9.28 11.32 -8.30
N ILE A 298 -7.99 11.58 -8.53
CA ILE A 298 -7.07 11.74 -7.38
C ILE A 298 -7.48 13.01 -6.65
N LYS A 299 -7.97 14.00 -7.38
CA LYS A 299 -8.42 15.28 -6.83
C LYS A 299 -9.52 14.99 -5.81
N ASN A 300 -10.34 14.01 -6.12
CA ASN A 300 -11.46 13.72 -5.19
C ASN A 300 -11.10 12.78 -4.05
N GLY A 301 -10.01 12.03 -4.07
CA GLY A 301 -9.60 11.12 -3.02
C GLY A 301 -8.57 11.78 -2.10
N GLU A 302 -7.89 10.99 -1.27
CA GLU A 302 -6.91 11.69 -0.38
C GLU A 302 -5.77 10.75 -0.13
N TRP A 303 -4.57 11.27 -0.17
CA TRP A 303 -3.30 10.57 0.06
C TRP A 303 -3.16 10.34 1.57
N GLN A 304 -2.73 9.21 2.02
CA GLN A 304 -2.54 8.93 3.46
C GLN A 304 -1.21 9.59 3.82
N ASN A 305 -1.26 10.50 4.74
CA ASN A 305 -0.20 11.32 5.31
C ASN A 305 0.04 11.06 6.78
N ASP A 306 1.13 11.69 7.24
CA ASP A 306 1.55 11.56 8.66
C ASP A 306 0.60 12.27 9.61
N VAL A 307 0.25 11.60 10.70
CA VAL A 307 -0.63 12.18 11.71
C VAL A 307 0.16 12.51 12.97
N GLY A 308 1.38 12.00 12.99
CA GLY A 308 2.25 12.30 14.16
C GLY A 308 1.81 11.50 15.37
N ALA A 309 1.87 12.18 16.51
CA ALA A 309 1.54 11.61 17.81
C ALA A 309 0.17 10.99 17.87
N ALA A 310 -0.74 11.48 17.06
CA ALA A 310 -2.12 10.98 16.93
C ALA A 310 -2.20 9.56 16.41
N SER A 311 -1.18 8.95 15.86
CA SER A 311 -1.16 7.58 15.38
C SER A 311 -1.51 6.66 16.53
N SER A 312 -1.30 7.17 17.73
CA SER A 312 -1.53 6.44 18.98
C SER A 312 -3.04 6.12 19.08
N ILE A 313 -3.82 7.10 18.78
CA ILE A 313 -5.28 6.94 18.85
C ILE A 313 -5.85 6.01 17.78
N TYR A 314 -5.46 6.11 16.53
CA TYR A 314 -5.91 5.22 15.46
C TYR A 314 -5.51 3.78 15.79
N GLU A 315 -4.28 3.59 16.16
CA GLU A 315 -3.73 2.27 16.48
C GLU A 315 -4.49 1.59 17.57
N GLU A 316 -4.78 2.20 18.68
CA GLU A 316 -5.48 1.65 19.84
C GLU A 316 -6.97 1.37 19.57
N TYR A 317 -7.58 2.42 19.01
CA TYR A 317 -9.00 2.43 18.66
C TYR A 317 -9.25 1.40 17.57
N TYR A 318 -8.25 1.00 16.81
CA TYR A 318 -8.38 -0.05 15.79
C TYR A 318 -8.27 -1.43 16.44
N GLN A 319 -7.35 -1.62 17.36
CA GLN A 319 -7.23 -2.94 18.00
C GLN A 319 -8.47 -3.27 18.82
N LYS A 320 -9.07 -2.27 19.42
CA LYS A 320 -10.29 -2.41 20.24
C LYS A 320 -11.36 -3.05 19.34
N LEU A 321 -11.50 -2.46 18.18
CA LEU A 321 -12.38 -2.82 17.07
C LEU A 321 -12.11 -4.28 16.73
N LYS A 322 -10.89 -4.64 16.41
CA LYS A 322 -10.46 -5.99 16.05
C LYS A 322 -10.63 -6.99 17.18
N ALA A 323 -10.97 -6.47 18.35
CA ALA A 323 -11.18 -7.31 19.55
C ALA A 323 -12.70 -7.40 19.69
N GLY A 324 -13.26 -6.20 19.65
CA GLY A 324 -14.69 -5.92 19.74
C GLY A 324 -15.21 -5.88 18.30
N1 SPD B . 0.49 -6.14 -0.63
C2 SPD B . 1.11 -5.04 -1.46
C3 SPD B . 0.15 -3.80 -1.38
C4 SPD B . 0.49 -3.12 -0.06
C5 SPD B . 0.04 -1.71 0.02
N6 SPD B . 0.69 -1.11 1.16
C7 SPD B . 0.53 0.20 1.62
C8 SPD B . -0.75 0.35 2.40
C9 SPD B . -1.00 1.74 2.77
N10 SPD B . -1.92 1.83 3.97
#